data_5Y8K
#
_entry.id   5Y8K
#
_cell.length_a   129.400
_cell.length_b   129.400
_cell.length_c   70.570
_cell.angle_alpha   90.00
_cell.angle_beta   90.00
_cell.angle_gamma   120.00
#
_symmetry.space_group_name_H-M   'P 65'
#
loop_
_entity.id
_entity.type
_entity.pdbx_description
1 polymer 'Probable 3-hydroxyisobutyrate dehydrogenase'
2 non-polymer SERINE
3 non-polymer GLYCEROL
4 non-polymer '(2~{S})-2-methylpentanedioic acid'
5 non-polymer 'ACRYLIC ACID'
6 water water
#
_entity_poly.entity_id   1
_entity_poly.type   'polypeptide(L)'
_entity_poly.pdbx_seq_one_letter_code
;MMTTIAFLGLGNMGAPMSANLVGAGHVVRGFDPAPTAASGAAAHGVAVFRSAPEAVAEADVVITMLPTGEVVRRCYTDVL
AAARPATLFIDSSTISVTDAREVHALAESHGMLQLDAPVSGGVKGAAAATLAFMVGGDESTLRRARPVLEPMAGKIIHCG
AAGAGQAAKVCNNMVLAVQQIAIAEAFVLAEKLGLSAQSLFDVITGATGNCWAVHTNCPVPGPVPTSPANNDFKPGFSTA
LMNKDLGLAMDAVAATGATAPLGSHAADIYAKFAADHADLDFSAVIHTLRARADA
;
_entity_poly.pdbx_strand_id   A,B
#
# COMPACT_ATOMS: atom_id res chain seq x y z
N MET A 2 22.94 -26.78 -27.65
CA MET A 2 21.68 -27.18 -26.93
C MET A 2 21.88 -27.46 -25.44
N THR A 3 21.33 -26.61 -24.57
CA THR A 3 21.49 -26.83 -23.12
C THR A 3 20.44 -27.82 -22.64
N THR A 4 20.90 -28.79 -21.87
CA THR A 4 20.09 -29.82 -21.28
C THR A 4 19.76 -29.39 -19.86
N ILE A 5 18.51 -29.51 -19.46
CA ILE A 5 18.02 -28.97 -18.18
C ILE A 5 17.36 -30.09 -17.39
N ALA A 6 17.83 -30.32 -16.17
CA ALA A 6 17.16 -31.23 -15.26
C ALA A 6 16.17 -30.42 -14.43
N PHE A 7 14.88 -30.79 -14.48
CA PHE A 7 13.84 -30.07 -13.77
C PHE A 7 13.32 -31.00 -12.69
N LEU A 8 13.61 -30.66 -11.43
CA LEU A 8 13.29 -31.49 -10.27
C LEU A 8 12.16 -30.83 -9.51
N GLY A 9 10.97 -31.39 -9.67
CA GLY A 9 9.75 -30.82 -9.14
C GLY A 9 8.93 -30.40 -10.33
N LEU A 10 7.94 -31.22 -10.66
CA LEU A 10 7.10 -31.05 -11.84
C LEU A 10 5.66 -30.88 -11.44
N GLY A 11 5.42 -30.15 -10.35
CA GLY A 11 4.08 -29.91 -9.83
C GLY A 11 3.39 -28.79 -10.59
N ASN A 12 2.46 -28.12 -9.90
CA ASN A 12 1.63 -27.04 -10.45
C ASN A 12 2.42 -25.94 -11.18
N MET A 13 3.58 -25.61 -10.64
CA MET A 13 4.47 -24.62 -11.24
C MET A 13 5.45 -25.30 -12.18
N GLY A 14 6.11 -26.35 -11.68
CA GLY A 14 7.20 -27.03 -12.41
C GLY A 14 6.80 -27.58 -13.76
N ALA A 15 5.63 -28.19 -13.83
CA ALA A 15 5.12 -28.75 -15.09
C ALA A 15 5.01 -27.69 -16.21
N PRO A 16 4.28 -26.59 -16.02
CA PRO A 16 4.20 -25.60 -17.10
C PRO A 16 5.53 -24.91 -17.45
N MET A 17 6.35 -24.62 -16.43
CA MET A 17 7.67 -24.05 -16.64
C MET A 17 8.50 -24.95 -17.53
N SER A 18 8.52 -26.24 -17.25
CA SER A 18 9.27 -27.21 -18.04
C SER A 18 8.71 -27.38 -19.45
N ALA A 19 7.40 -27.23 -19.61
CA ALA A 19 6.79 -27.22 -20.95
C ALA A 19 7.29 -26.03 -21.77
N ASN A 20 7.43 -24.86 -21.13
CA ASN A 20 7.97 -23.69 -21.82
C ASN A 20 9.43 -23.90 -22.24
N LEU A 21 10.21 -24.57 -21.40
CA LEU A 21 11.60 -24.89 -21.74
C LEU A 21 11.67 -25.83 -22.95
N VAL A 22 10.85 -26.89 -22.97
CA VAL A 22 10.76 -27.78 -24.12
C VAL A 22 10.41 -26.93 -25.36
N GLY A 23 9.42 -26.06 -25.20
CA GLY A 23 8.96 -25.20 -26.29
C GLY A 23 10.01 -24.23 -26.81
N ALA A 24 10.98 -23.87 -25.96
CA ALA A 24 12.08 -23.04 -26.38
C ALA A 24 13.30 -23.79 -26.97
N GLY A 25 13.19 -25.11 -27.15
CA GLY A 25 14.22 -25.90 -27.80
C GLY A 25 15.23 -26.58 -26.90
N HIS A 26 14.98 -26.60 -25.59
CA HIS A 26 15.87 -27.27 -24.64
C HIS A 26 15.53 -28.72 -24.49
N VAL A 27 16.53 -29.52 -24.13
CA VAL A 27 16.32 -30.93 -23.77
C VAL A 27 16.04 -30.91 -22.27
N VAL A 28 14.85 -31.36 -21.87
CA VAL A 28 14.42 -31.28 -20.48
C VAL A 28 14.31 -32.68 -19.90
N ARG A 29 14.99 -32.89 -18.77
CA ARG A 29 15.00 -34.15 -18.05
C ARG A 29 14.31 -33.86 -16.74
N GLY A 30 13.44 -34.75 -16.28
CA GLY A 30 12.56 -34.46 -15.18
C GLY A 30 12.55 -35.50 -14.08
N PHE A 31 12.19 -35.07 -12.88
CA PHE A 31 11.83 -35.98 -11.79
C PHE A 31 10.75 -35.37 -10.92
N ASP A 32 9.78 -36.20 -10.54
CA ASP A 32 8.82 -35.84 -9.53
C ASP A 32 8.34 -37.11 -8.84
N PRO A 33 8.11 -37.05 -7.51
CA PRO A 33 7.64 -38.27 -6.83
C PRO A 33 6.18 -38.64 -7.08
N ALA A 34 5.38 -37.76 -7.69
CA ALA A 34 3.98 -38.06 -8.01
C ALA A 34 3.89 -38.55 -9.46
N PRO A 35 3.49 -39.82 -9.67
CA PRO A 35 3.34 -40.33 -11.03
C PRO A 35 2.50 -39.47 -11.99
N THR A 36 1.39 -38.92 -11.51
CA THR A 36 0.58 -38.02 -12.33
C THR A 36 1.34 -36.77 -12.80
N ALA A 37 2.11 -36.15 -11.91
CA ALA A 37 2.92 -34.99 -12.27
C ALA A 37 3.96 -35.38 -13.32
N ALA A 38 4.66 -36.48 -13.07
CA ALA A 38 5.67 -36.99 -14.01
C ALA A 38 5.06 -37.27 -15.40
N SER A 39 3.97 -38.05 -15.41
CA SER A 39 3.29 -38.46 -16.65
C SER A 39 2.85 -37.28 -17.49
N GLY A 40 2.25 -36.30 -16.82
CA GLY A 40 1.81 -35.07 -17.45
C GLY A 40 2.96 -34.29 -18.07
N ALA A 41 4.08 -34.23 -17.36
CA ALA A 41 5.30 -33.59 -17.89
C ALA A 41 5.90 -34.37 -19.08
N ALA A 42 5.96 -35.70 -18.96
CA ALA A 42 6.39 -36.55 -20.08
C ALA A 42 5.52 -36.37 -21.32
N ALA A 43 4.22 -36.15 -21.09
CA ALA A 43 3.28 -35.93 -22.18
C ALA A 43 3.58 -34.65 -23.00
N HIS A 44 4.25 -33.66 -22.39
CA HIS A 44 4.72 -32.48 -23.12
C HIS A 44 6.23 -32.41 -23.39
N GLY A 45 6.88 -33.57 -23.40
CA GLY A 45 8.27 -33.69 -23.88
C GLY A 45 9.41 -33.86 -22.88
N VAL A 46 9.10 -33.90 -21.60
CA VAL A 46 10.14 -34.07 -20.59
C VAL A 46 10.51 -35.56 -20.51
N ALA A 47 11.80 -35.86 -20.55
CA ALA A 47 12.26 -37.23 -20.32
C ALA A 47 12.32 -37.40 -18.81
N VAL A 48 11.39 -38.20 -18.29
CA VAL A 48 11.23 -38.38 -16.86
C VAL A 48 12.08 -39.56 -16.39
N PHE A 49 12.74 -39.37 -15.24
CA PHE A 49 13.56 -40.41 -14.65
C PHE A 49 13.03 -40.81 -13.29
N ARG A 50 13.35 -42.02 -12.88
CA ARG A 50 12.87 -42.58 -11.60
C ARG A 50 13.45 -41.91 -10.36
N SER A 51 14.65 -41.34 -10.46
CA SER A 51 15.31 -40.66 -9.33
C SER A 51 15.92 -39.34 -9.75
N ALA A 52 16.03 -38.40 -8.82
CA ALA A 52 16.62 -37.10 -9.13
C ALA A 52 18.08 -37.20 -9.61
N PRO A 53 18.92 -38.04 -8.95
CA PRO A 53 20.31 -38.20 -9.43
C PRO A 53 20.42 -38.61 -10.90
N GLU A 54 19.47 -39.42 -11.38
CA GLU A 54 19.43 -39.82 -12.78
C GLU A 54 19.14 -38.63 -13.71
N ALA A 55 18.10 -37.88 -13.39
CA ALA A 55 17.74 -36.69 -14.17
C ALA A 55 18.92 -35.73 -14.32
N VAL A 56 19.66 -35.52 -13.23
CA VAL A 56 20.77 -34.57 -13.19
C VAL A 56 22.01 -34.99 -14.02
N ALA A 57 22.22 -36.30 -14.16
CA ALA A 57 23.41 -36.90 -14.81
C ALA A 57 23.99 -36.16 -16.02
N GLU A 58 23.13 -35.84 -17.00
CA GLU A 58 23.58 -35.22 -18.26
C GLU A 58 23.28 -33.73 -18.37
N ALA A 59 22.92 -33.10 -17.25
CA ALA A 59 22.35 -31.75 -17.27
C ALA A 59 23.39 -30.64 -17.21
N ASP A 60 23.22 -29.61 -18.03
CA ASP A 60 24.03 -28.37 -17.90
C ASP A 60 23.44 -27.43 -16.84
N VAL A 61 22.13 -27.53 -16.65
CA VAL A 61 21.38 -26.71 -15.70
C VAL A 61 20.46 -27.61 -14.90
N VAL A 62 20.36 -27.37 -13.61
CA VAL A 62 19.44 -28.11 -12.74
C VAL A 62 18.52 -27.11 -12.08
N ILE A 63 17.23 -27.26 -12.31
CA ILE A 63 16.22 -26.37 -11.71
C ILE A 63 15.41 -27.14 -10.66
N THR A 64 15.32 -26.61 -9.45
CA THR A 64 14.44 -27.14 -8.40
C THR A 64 13.20 -26.26 -8.21
N MET A 65 12.05 -26.92 -8.13
CA MET A 65 10.79 -26.30 -7.76
C MET A 65 10.16 -27.22 -6.73
N LEU A 66 10.49 -27.00 -5.47
CA LEU A 66 10.17 -27.94 -4.41
C LEU A 66 9.51 -27.23 -3.23
N PRO A 67 8.77 -27.97 -2.37
CA PRO A 67 7.89 -27.27 -1.41
C PRO A 67 8.56 -26.60 -0.23
N THR A 68 9.69 -27.13 0.24
CA THR A 68 10.34 -26.59 1.44
C THR A 68 11.85 -26.62 1.33
N GLY A 69 12.48 -25.80 2.17
CA GLY A 69 13.93 -25.77 2.28
C GLY A 69 14.55 -27.11 2.61
N GLU A 70 13.91 -27.85 3.51
CA GLU A 70 14.37 -29.19 3.89
C GLU A 70 14.43 -30.14 2.69
N VAL A 71 13.39 -30.11 1.86
CA VAL A 71 13.33 -30.92 0.64
C VAL A 71 14.37 -30.43 -0.38
N VAL A 72 14.50 -29.11 -0.52
CA VAL A 72 15.52 -28.56 -1.40
C VAL A 72 16.91 -29.03 -0.95
N ARG A 73 17.20 -28.87 0.34
N ARG A 73 17.24 -28.88 0.33
CA ARG A 73 18.48 -29.28 0.94
CA ARG A 73 18.57 -29.30 0.84
C ARG A 73 18.80 -30.76 0.70
C ARG A 73 18.82 -30.78 0.63
N ARG A 74 17.82 -31.62 0.92
CA ARG A 74 17.95 -33.07 0.74
C ARG A 74 18.10 -33.44 -0.74
N CYS A 75 17.44 -32.70 -1.62
CA CYS A 75 17.62 -32.89 -3.06
C CYS A 75 19.06 -32.57 -3.50
N TYR A 76 19.58 -31.44 -3.04
CA TYR A 76 20.96 -31.07 -3.31
C TYR A 76 21.98 -32.13 -2.83
N THR A 77 21.90 -32.55 -1.57
CA THR A 77 22.83 -33.61 -1.08
C THR A 77 22.64 -34.94 -1.83
N ASP A 78 21.42 -35.23 -2.25
CA ASP A 78 21.17 -36.39 -3.11
C ASP A 78 21.78 -36.31 -4.50
N VAL A 79 21.83 -35.11 -5.10
CA VAL A 79 22.21 -34.99 -6.53
C VAL A 79 23.55 -34.35 -6.86
N LEU A 80 24.11 -33.57 -5.94
CA LEU A 80 25.31 -32.78 -6.25
C LEU A 80 26.48 -33.62 -6.77
N ALA A 81 26.69 -34.80 -6.18
CA ALA A 81 27.76 -35.70 -6.61
C ALA A 81 27.54 -36.29 -8.01
N ALA A 82 26.28 -36.42 -8.42
CA ALA A 82 25.92 -36.90 -9.76
C ALA A 82 26.09 -35.83 -10.84
N ALA A 83 26.12 -34.56 -10.43
CA ALA A 83 26.16 -33.48 -11.39
C ALA A 83 27.55 -33.30 -11.98
N ARG A 84 27.59 -32.84 -13.22
CA ARG A 84 28.85 -32.50 -13.87
C ARG A 84 29.43 -31.22 -13.27
N PRO A 85 30.77 -31.05 -13.35
CA PRO A 85 31.37 -29.87 -12.74
C PRO A 85 30.89 -28.58 -13.38
N ALA A 86 30.76 -27.52 -12.57
CA ALA A 86 30.28 -26.22 -13.05
C ALA A 86 28.85 -26.26 -13.63
N THR A 87 28.05 -27.24 -13.22
CA THR A 87 26.63 -27.24 -13.54
C THR A 87 26.01 -26.02 -12.87
N LEU A 88 25.04 -25.42 -13.56
CA LEU A 88 24.31 -24.27 -13.04
C LEU A 88 23.06 -24.77 -12.33
N PHE A 89 22.97 -24.50 -11.03
CA PHE A 89 21.82 -24.88 -10.23
C PHE A 89 20.98 -23.64 -10.00
N ILE A 90 19.68 -23.75 -10.27
CA ILE A 90 18.73 -22.66 -10.03
C ILE A 90 17.62 -23.19 -9.15
N ASP A 91 17.55 -22.70 -7.91
CA ASP A 91 16.39 -23.00 -7.07
C ASP A 91 15.32 -21.91 -7.19
N SER A 92 14.18 -22.27 -7.78
CA SER A 92 13.04 -21.38 -7.96
C SER A 92 11.91 -21.71 -7.00
N SER A 93 12.17 -22.61 -6.06
CA SER A 93 11.33 -22.83 -4.89
C SER A 93 11.28 -21.55 -4.06
N THR A 94 10.22 -21.40 -3.28
CA THR A 94 10.13 -20.30 -2.32
C THR A 94 10.42 -20.88 -0.95
N ILE A 95 11.60 -20.55 -0.40
CA ILE A 95 12.07 -21.03 0.89
C ILE A 95 12.71 -19.89 1.69
N SER A 96 13.06 -20.15 2.95
CA SER A 96 13.64 -19.14 3.81
C SER A 96 14.96 -18.65 3.25
N VAL A 97 15.30 -17.46 3.54
CA VAL A 97 16.58 -16.88 3.15
C VAL A 97 17.74 -17.70 3.76
N THR A 98 17.58 -18.17 4.98
CA THR A 98 18.60 -18.99 5.64
C THR A 98 18.85 -20.27 4.86
N ASP A 99 17.77 -20.98 4.54
CA ASP A 99 17.87 -22.22 3.75
C ASP A 99 18.47 -21.94 2.38
N ALA A 100 18.04 -20.87 1.72
CA ALA A 100 18.58 -20.52 0.41
C ALA A 100 20.08 -20.35 0.41
N ARG A 101 20.59 -19.61 1.39
CA ARG A 101 22.02 -19.40 1.54
C ARG A 101 22.76 -20.67 1.93
N GLU A 102 22.14 -21.54 2.71
CA GLU A 102 22.77 -22.82 3.00
C GLU A 102 22.92 -23.64 1.72
N VAL A 103 21.85 -23.78 0.93
CA VAL A 103 21.94 -24.62 -0.28
C VAL A 103 22.88 -24.03 -1.34
N HIS A 104 22.95 -22.70 -1.42
CA HIS A 104 23.85 -22.00 -2.31
C HIS A 104 25.30 -22.38 -1.95
N ALA A 105 25.65 -22.19 -0.69
CA ALA A 105 27.00 -22.54 -0.19
C ALA A 105 27.34 -24.01 -0.47
N LEU A 106 26.37 -24.88 -0.25
CA LEU A 106 26.57 -26.32 -0.47
C LEU A 106 26.90 -26.62 -1.93
N ALA A 107 26.12 -26.00 -2.82
CA ALA A 107 26.31 -26.20 -4.25
C ALA A 107 27.63 -25.64 -4.74
N GLU A 108 28.00 -24.44 -4.30
CA GLU A 108 29.27 -23.87 -4.72
C GLU A 108 30.45 -24.65 -4.14
N SER A 109 30.26 -25.30 -2.98
CA SER A 109 31.31 -26.17 -2.43
C SER A 109 31.67 -27.36 -3.32
N HIS A 110 30.74 -27.81 -4.16
CA HIS A 110 30.98 -28.83 -5.21
C HIS A 110 31.41 -28.27 -6.56
N GLY A 111 31.82 -27.02 -6.60
CA GLY A 111 32.19 -26.37 -7.87
C GLY A 111 31.03 -26.10 -8.80
N MET A 112 29.81 -26.05 -8.26
CA MET A 112 28.63 -25.67 -9.04
C MET A 112 28.43 -24.17 -8.93
N LEU A 113 27.67 -23.63 -9.88
CA LEU A 113 27.24 -22.24 -9.85
C LEU A 113 25.78 -22.29 -9.45
N GLN A 114 25.35 -21.37 -8.59
CA GLN A 114 24.00 -21.47 -8.01
C GLN A 114 23.31 -20.13 -7.85
N LEU A 115 22.02 -20.10 -8.18
CA LEU A 115 21.14 -18.95 -7.99
C LEU A 115 19.91 -19.35 -7.19
N ASP A 116 19.43 -18.47 -6.31
CA ASP A 116 18.02 -18.50 -5.88
C ASP A 116 17.22 -17.64 -6.83
N ALA A 117 16.15 -18.19 -7.41
CA ALA A 117 15.28 -17.47 -8.35
C ALA A 117 13.81 -17.79 -8.13
N PRO A 118 13.32 -17.50 -6.92
CA PRO A 118 11.91 -17.70 -6.65
C PRO A 118 11.06 -16.84 -7.58
N VAL A 119 9.79 -17.23 -7.75
CA VAL A 119 8.92 -16.61 -8.72
C VAL A 119 7.61 -16.10 -8.14
N SER A 120 7.11 -15.04 -8.76
CA SER A 120 5.74 -14.54 -8.60
C SER A 120 5.01 -14.72 -9.90
N GLY A 121 3.71 -14.90 -9.81
CA GLY A 121 2.83 -15.06 -10.99
C GLY A 121 1.90 -16.24 -10.88
N GLY A 122 2.22 -17.20 -10.01
CA GLY A 122 1.41 -18.41 -9.85
C GLY A 122 1.38 -19.33 -11.07
N VAL A 123 0.42 -20.25 -11.06
CA VAL A 123 0.23 -21.23 -12.13
C VAL A 123 -0.08 -20.53 -13.48
N LYS A 124 -0.92 -19.50 -13.41
CA LYS A 124 -1.29 -18.67 -14.56
C LYS A 124 -0.03 -18.11 -15.21
N GLY A 125 0.80 -17.48 -14.39
CA GLY A 125 2.06 -16.92 -14.86
C GLY A 125 2.99 -17.97 -15.42
N ALA A 126 3.04 -19.14 -14.77
CA ALA A 126 3.90 -20.23 -15.21
C ALA A 126 3.51 -20.69 -16.60
N ALA A 127 2.23 -20.96 -16.80
CA ALA A 127 1.71 -21.38 -18.09
C ALA A 127 1.98 -20.34 -19.17
N ALA A 128 1.65 -19.09 -18.87
CA ALA A 128 1.79 -17.99 -19.83
C ALA A 128 3.23 -17.51 -20.06
N ALA A 129 4.21 -18.08 -19.34
CA ALA A 129 5.61 -17.67 -19.40
C ALA A 129 5.78 -16.19 -19.06
N THR A 130 5.03 -15.71 -18.07
CA THR A 130 5.12 -14.33 -17.62
C THR A 130 5.56 -14.23 -16.17
N LEU A 131 6.20 -15.27 -15.64
CA LEU A 131 6.68 -15.23 -14.25
C LEU A 131 7.73 -14.14 -14.01
N ALA A 132 7.72 -13.58 -12.80
CA ALA A 132 8.74 -12.64 -12.35
C ALA A 132 9.75 -13.41 -11.51
N PHE A 133 10.96 -13.59 -12.03
CA PHE A 133 12.05 -14.21 -11.29
C PHE A 133 12.81 -13.13 -10.52
N MET A 134 12.89 -13.29 -9.21
CA MET A 134 13.70 -12.43 -8.32
C MET A 134 14.94 -13.23 -7.92
N VAL A 135 16.12 -12.77 -8.39
CA VAL A 135 17.31 -13.61 -8.41
C VAL A 135 18.37 -13.13 -7.43
N GLY A 136 18.89 -14.07 -6.64
CA GLY A 136 20.07 -13.83 -5.81
C GLY A 136 21.25 -14.65 -6.31
N GLY A 137 22.42 -14.04 -6.30
CA GLY A 137 23.64 -14.72 -6.78
C GLY A 137 24.56 -13.78 -7.54
N ASP A 138 25.55 -14.33 -8.20
CA ASP A 138 26.53 -13.55 -8.98
C ASP A 138 25.91 -13.07 -10.30
N GLU A 139 26.19 -11.82 -10.66
CA GLU A 139 25.73 -11.22 -11.92
C GLU A 139 26.15 -12.07 -13.12
N SER A 140 27.38 -12.55 -13.13
CA SER A 140 27.86 -13.40 -14.20
C SER A 140 27.14 -14.75 -14.29
N THR A 141 26.74 -15.31 -13.14
CA THR A 141 25.94 -16.53 -13.12
C THR A 141 24.51 -16.27 -13.65
N LEU A 142 23.93 -15.12 -13.28
CA LEU A 142 22.65 -14.72 -13.85
C LEU A 142 22.72 -14.57 -15.38
N ARG A 143 23.81 -13.98 -15.87
CA ARG A 143 23.98 -13.82 -17.33
C ARG A 143 23.99 -15.17 -18.05
N ARG A 144 24.72 -16.13 -17.51
CA ARG A 144 24.71 -17.50 -18.02
C ARG A 144 23.30 -18.10 -17.97
N ALA A 145 22.60 -17.88 -16.84
CA ALA A 145 21.23 -18.39 -16.66
C ALA A 145 20.17 -17.73 -17.56
N ARG A 146 20.44 -16.51 -18.04
CA ARG A 146 19.41 -15.70 -18.70
C ARG A 146 18.67 -16.40 -19.87
N PRO A 147 19.41 -17.05 -20.79
CA PRO A 147 18.76 -17.84 -21.85
C PRO A 147 17.79 -18.95 -21.37
N VAL A 148 18.01 -19.50 -20.20
CA VAL A 148 17.12 -20.52 -19.63
C VAL A 148 15.90 -19.88 -18.95
N LEU A 149 16.11 -18.80 -18.22
CA LEU A 149 15.02 -18.11 -17.52
C LEU A 149 14.04 -17.40 -18.48
N GLU A 150 14.58 -16.80 -19.54
CA GLU A 150 13.77 -16.03 -20.51
C GLU A 150 12.49 -16.71 -21.01
N PRO A 151 12.58 -17.96 -21.50
CA PRO A 151 11.33 -18.59 -21.98
C PRO A 151 10.27 -18.91 -20.90
N MET A 152 10.63 -18.81 -19.62
CA MET A 152 9.66 -18.98 -18.52
C MET A 152 9.15 -17.64 -17.96
N ALA A 153 9.74 -16.53 -18.39
CA ALA A 153 9.70 -15.29 -17.61
C ALA A 153 9.10 -14.08 -18.33
N GLY A 154 8.40 -13.26 -17.57
CA GLY A 154 8.01 -11.91 -17.97
C GLY A 154 9.01 -10.89 -17.44
N LYS A 155 9.58 -11.13 -16.27
CA LYS A 155 10.59 -10.25 -15.67
C LYS A 155 11.68 -11.09 -15.07
N ILE A 156 12.88 -10.54 -15.06
CA ILE A 156 14.02 -11.16 -14.39
C ILE A 156 14.71 -10.01 -13.67
N ILE A 157 14.75 -10.06 -12.34
CA ILE A 157 15.31 -8.99 -11.53
C ILE A 157 16.43 -9.52 -10.64
N HIS A 158 17.62 -9.02 -10.85
CA HIS A 158 18.75 -9.33 -9.99
C HIS A 158 18.57 -8.57 -8.65
N CYS A 159 18.45 -9.28 -7.56
CA CYS A 159 18.19 -8.68 -6.25
C CYS A 159 19.42 -8.46 -5.40
N GLY A 160 20.53 -9.10 -5.73
CA GLY A 160 21.73 -9.03 -4.91
C GLY A 160 22.40 -10.38 -4.80
N ALA A 161 23.21 -10.57 -3.77
CA ALA A 161 23.92 -11.84 -3.54
C ALA A 161 22.94 -12.95 -3.15
N ALA A 162 23.44 -14.18 -3.10
CA ALA A 162 22.61 -15.35 -2.79
C ALA A 162 21.71 -15.09 -1.60
N GLY A 163 20.44 -15.49 -1.73
CA GLY A 163 19.39 -15.23 -0.76
C GLY A 163 18.54 -13.97 -0.95
N ALA A 164 19.04 -13.02 -1.74
CA ALA A 164 18.38 -11.75 -1.96
C ALA A 164 17.09 -11.92 -2.79
N GLY A 165 17.03 -12.95 -3.65
CA GLY A 165 15.82 -13.25 -4.40
C GLY A 165 14.69 -13.60 -3.45
N GLN A 166 14.98 -14.52 -2.54
CA GLN A 166 14.03 -14.95 -1.50
C GLN A 166 13.65 -13.78 -0.58
N ALA A 167 14.63 -12.95 -0.23
CA ALA A 167 14.38 -11.83 0.69
C ALA A 167 13.48 -10.80 0.05
N ALA A 168 13.77 -10.47 -1.21
CA ALA A 168 12.97 -9.50 -1.93
C ALA A 168 11.52 -9.95 -2.05
N LYS A 169 11.31 -11.22 -2.42
CA LYS A 169 9.96 -11.76 -2.56
C LYS A 169 9.20 -11.80 -1.24
N VAL A 170 9.86 -12.22 -0.17
CA VAL A 170 9.19 -12.33 1.12
C VAL A 170 8.83 -10.92 1.65
N CYS A 171 9.72 -9.95 1.44
CA CYS A 171 9.44 -8.57 1.90
C CYS A 171 8.27 -7.94 1.15
N ASN A 172 8.22 -8.09 -0.17
CA ASN A 172 7.10 -7.60 -0.95
C ASN A 172 5.78 -8.28 -0.53
N ASN A 173 5.79 -9.60 -0.38
CA ASN A 173 4.55 -10.32 -0.01
C ASN A 173 4.04 -10.01 1.41
N MET A 174 4.96 -9.68 2.33
CA MET A 174 4.54 -9.22 3.65
C MET A 174 3.83 -7.87 3.57
N VAL A 175 4.37 -6.96 2.75
CA VAL A 175 3.72 -5.67 2.52
C VAL A 175 2.34 -5.89 1.88
N LEU A 176 2.28 -6.78 0.89
CA LEU A 176 1.04 -7.06 0.14
C LEU A 176 -0.07 -7.55 1.07
N ALA A 177 0.26 -8.46 1.97
CA ALA A 177 -0.70 -9.00 2.92
C ALA A 177 -1.27 -7.89 3.80
N VAL A 178 -0.39 -7.03 4.31
CA VAL A 178 -0.81 -5.90 5.14
C VAL A 178 -1.73 -4.97 4.35
N GLN A 179 -1.35 -4.68 3.11
CA GLN A 179 -2.14 -3.82 2.21
C GLN A 179 -3.50 -4.40 1.90
N GLN A 180 -3.57 -5.72 1.64
CA GLN A 180 -4.85 -6.37 1.34
C GLN A 180 -5.82 -6.33 2.53
N ILE A 181 -5.31 -6.48 3.74
CA ILE A 181 -6.14 -6.38 4.94
C ILE A 181 -6.56 -4.92 5.14
N ALA A 182 -5.60 -4.00 4.99
CA ALA A 182 -5.85 -2.57 5.17
C ALA A 182 -6.93 -2.03 4.23
N ILE A 183 -6.84 -2.40 2.96
CA ILE A 183 -7.88 -2.07 1.98
C ILE A 183 -9.23 -2.64 2.40
N ALA A 184 -9.26 -3.90 2.84
CA ALA A 184 -10.52 -4.51 3.32
C ALA A 184 -11.14 -3.73 4.48
N GLU A 185 -10.31 -3.32 5.44
CA GLU A 185 -10.78 -2.53 6.57
C GLU A 185 -11.40 -1.22 6.10
N ALA A 186 -10.70 -0.55 5.16
CA ALA A 186 -11.17 0.70 4.59
C ALA A 186 -12.54 0.54 3.93
N PHE A 187 -12.72 -0.51 3.14
CA PHE A 187 -14.03 -0.76 2.52
C PHE A 187 -15.14 -1.07 3.51
N VAL A 188 -14.84 -1.81 4.56
CA VAL A 188 -15.85 -2.11 5.60
C VAL A 188 -16.19 -0.85 6.40
N LEU A 189 -15.18 -0.07 6.76
CA LEU A 189 -15.41 1.18 7.47
C LEU A 189 -16.24 2.15 6.62
N ALA A 190 -15.90 2.26 5.33
CA ALA A 190 -16.61 3.12 4.41
C ALA A 190 -18.11 2.77 4.36
N GLU A 191 -18.41 1.50 4.14
CA GLU A 191 -19.80 1.02 4.12
C GLU A 191 -20.56 1.40 5.37
N LYS A 192 -19.96 1.19 6.54
CA LYS A 192 -20.61 1.56 7.80
C LYS A 192 -20.76 3.07 7.97
N LEU A 193 -19.85 3.85 7.39
CA LEU A 193 -19.98 5.32 7.33
C LEU A 193 -20.98 5.86 6.30
N GLY A 194 -21.54 4.98 5.47
CA GLY A 194 -22.45 5.39 4.40
C GLY A 194 -21.75 5.88 3.14
N LEU A 195 -20.43 5.67 3.06
CA LEU A 195 -19.64 5.99 1.87
C LEU A 195 -19.67 4.77 0.95
N SER A 196 -20.15 4.94 -0.29
CA SER A 196 -20.24 3.82 -1.23
C SER A 196 -18.86 3.22 -1.62
N ALA A 197 -18.88 1.96 -2.00
CA ALA A 197 -17.66 1.27 -2.42
C ALA A 197 -17.04 1.94 -3.63
N GLN A 198 -17.86 2.30 -4.61
CA GLN A 198 -17.37 3.01 -5.80
C GLN A 198 -16.72 4.35 -5.42
N SER A 199 -17.32 5.09 -4.49
CA SER A 199 -16.77 6.38 -4.07
C SER A 199 -15.43 6.22 -3.38
N LEU A 200 -15.34 5.27 -2.45
CA LEU A 200 -14.08 4.98 -1.79
C LEU A 200 -13.03 4.57 -2.82
N PHE A 201 -13.41 3.66 -3.70
CA PHE A 201 -12.52 3.20 -4.79
C PHE A 201 -11.96 4.37 -5.61
N ASP A 202 -12.85 5.24 -6.08
CA ASP A 202 -12.45 6.41 -6.87
C ASP A 202 -11.47 7.28 -6.10
N VAL A 203 -11.73 7.49 -4.80
CA VAL A 203 -10.85 8.34 -3.99
C VAL A 203 -9.49 7.67 -3.79
N ILE A 204 -9.48 6.45 -3.24
CA ILE A 204 -8.22 5.77 -2.89
C ILE A 204 -7.33 5.62 -4.13
N THR A 205 -7.91 5.15 -5.24
CA THR A 205 -7.10 4.93 -6.44
C THR A 205 -6.52 6.20 -7.06
N GLY A 206 -7.16 7.34 -6.80
CA GLY A 206 -6.60 8.64 -7.15
C GLY A 206 -5.80 9.34 -6.05
N ALA A 207 -5.55 8.65 -4.94
CA ALA A 207 -4.90 9.25 -3.77
C ALA A 207 -3.73 8.40 -3.26
N THR A 208 -3.18 8.79 -2.12
CA THR A 208 -1.94 8.20 -1.61
C THR A 208 -2.05 6.74 -1.17
N GLY A 209 -3.27 6.29 -0.85
CA GLY A 209 -3.51 4.92 -0.43
C GLY A 209 -3.53 3.88 -1.54
N ASN A 210 -3.48 4.31 -2.81
CA ASN A 210 -3.61 3.40 -3.96
C ASN A 210 -2.56 2.32 -3.95
N CYS A 211 -2.98 1.12 -4.27
CA CYS A 211 -2.07 -0.01 -4.40
C CYS A 211 -2.81 -1.11 -5.14
N TRP A 212 -2.06 -2.09 -5.61
CA TRP A 212 -2.62 -3.24 -6.34
C TRP A 212 -3.77 -3.90 -5.60
N ALA A 213 -3.66 -4.04 -4.27
CA ALA A 213 -4.71 -4.65 -3.44
C ALA A 213 -6.11 -4.04 -3.65
N VAL A 214 -6.16 -2.75 -3.99
CA VAL A 214 -7.43 -2.08 -4.36
C VAL A 214 -7.60 -1.97 -5.88
N HIS A 215 -6.59 -1.48 -6.61
CA HIS A 215 -6.84 -1.14 -8.03
C HIS A 215 -7.03 -2.35 -8.93
N THR A 216 -6.48 -3.49 -8.52
CA THR A 216 -6.65 -4.74 -9.23
C THR A 216 -7.36 -5.84 -8.40
N ASN A 217 -7.14 -5.88 -7.09
CA ASN A 217 -7.69 -6.97 -6.27
C ASN A 217 -8.86 -6.54 -5.37
N CYS A 218 -9.53 -5.43 -5.73
CA CYS A 218 -10.61 -4.84 -4.93
C CYS A 218 -11.52 -5.88 -4.27
N PRO A 219 -11.56 -5.92 -2.90
CA PRO A 219 -12.27 -7.01 -2.22
C PRO A 219 -13.78 -6.85 -2.10
N VAL A 220 -14.36 -5.82 -2.69
CA VAL A 220 -15.81 -5.69 -2.81
C VAL A 220 -16.17 -5.77 -4.29
N PRO A 221 -17.31 -6.42 -4.61
CA PRO A 221 -17.69 -6.56 -6.02
C PRO A 221 -18.08 -5.20 -6.63
N GLY A 222 -17.78 -5.01 -7.91
CA GLY A 222 -18.25 -3.84 -8.66
C GLY A 222 -17.15 -2.98 -9.26
N PRO A 223 -16.34 -2.33 -8.41
CA PRO A 223 -15.35 -1.38 -8.96
C PRO A 223 -14.30 -1.92 -9.92
N VAL A 224 -13.96 -3.19 -9.78
CA VAL A 224 -12.99 -3.84 -10.68
C VAL A 224 -13.64 -5.17 -11.05
N PRO A 225 -14.38 -5.21 -12.18
CA PRO A 225 -15.17 -6.42 -12.51
C PRO A 225 -14.38 -7.72 -12.57
N THR A 226 -13.09 -7.67 -12.86
CA THR A 226 -12.26 -8.87 -12.87
C THR A 226 -11.72 -9.31 -11.51
N SER A 227 -11.88 -8.52 -10.45
CA SER A 227 -11.31 -8.88 -9.15
C SER A 227 -12.01 -10.10 -8.59
N PRO A 228 -11.30 -10.92 -7.79
CA PRO A 228 -11.89 -12.16 -7.24
C PRO A 228 -13.20 -12.02 -6.45
N ALA A 229 -13.42 -10.85 -5.86
CA ALA A 229 -14.69 -10.49 -5.21
C ALA A 229 -15.93 -10.66 -6.09
N ASN A 230 -15.79 -10.51 -7.42
CA ASN A 230 -16.89 -10.66 -8.37
C ASN A 230 -17.09 -12.11 -8.83
N ASN A 231 -16.18 -13.02 -8.43
CA ASN A 231 -16.19 -14.41 -8.87
C ASN A 231 -15.98 -15.38 -7.68
N ASP A 232 -16.79 -15.18 -6.63
CA ASP A 232 -16.78 -16.01 -5.41
C ASP A 232 -15.39 -16.19 -4.75
N PHE A 233 -14.55 -15.18 -4.88
CA PHE A 233 -13.17 -15.21 -4.38
C PHE A 233 -12.35 -16.44 -4.85
N LYS A 234 -12.56 -16.85 -6.10
CA LYS A 234 -11.71 -17.88 -6.71
C LYS A 234 -10.32 -17.28 -6.86
N PRO A 235 -9.26 -17.98 -6.42
CA PRO A 235 -7.93 -17.44 -6.69
C PRO A 235 -7.68 -17.36 -8.21
N GLY A 236 -6.85 -16.45 -8.70
CA GLY A 236 -6.18 -15.40 -7.94
C GLY A 236 -4.95 -15.89 -7.19
N PHE A 237 -4.75 -15.35 -5.99
CA PHE A 237 -3.66 -15.74 -5.12
C PHE A 237 -4.29 -16.26 -3.85
N SER A 238 -4.21 -17.57 -3.63
CA SER A 238 -4.91 -18.21 -2.53
C SER A 238 -4.40 -17.77 -1.18
N THR A 239 -5.32 -17.76 -0.22
CA THR A 239 -5.00 -17.65 1.20
C THR A 239 -3.96 -18.68 1.64
N ALA A 240 -4.07 -19.91 1.14
CA ALA A 240 -3.08 -20.96 1.45
C ALA A 240 -1.65 -20.53 1.09
N LEU A 241 -1.47 -19.97 -0.11
CA LEU A 241 -0.17 -19.53 -0.58
C LEU A 241 0.32 -18.25 0.10
N MET A 242 -0.58 -17.32 0.36
CA MET A 242 -0.23 -16.11 1.08
C MET A 242 0.21 -16.50 2.50
N ASN A 243 -0.55 -17.40 3.13
CA ASN A 243 -0.21 -17.93 4.45
C ASN A 243 1.20 -18.56 4.49
N LYS A 244 1.56 -19.28 3.43
CA LYS A 244 2.89 -19.88 3.32
C LYS A 244 3.99 -18.82 3.25
N ASP A 245 3.79 -17.80 2.41
CA ASP A 245 4.74 -16.69 2.33
C ASP A 245 4.90 -15.93 3.64
N LEU A 246 3.79 -15.72 4.34
CA LEU A 246 3.85 -15.00 5.60
C LEU A 246 4.54 -15.82 6.67
N GLY A 247 4.39 -17.14 6.62
CA GLY A 247 5.15 -18.04 7.49
C GLY A 247 6.65 -17.87 7.31
N LEU A 248 7.07 -17.73 6.06
CA LEU A 248 8.47 -17.49 5.75
C LEU A 248 8.95 -16.10 6.18
N ALA A 249 8.06 -15.11 6.07
CA ALA A 249 8.36 -13.77 6.57
C ALA A 249 8.57 -13.82 8.07
N MET A 250 7.70 -14.54 8.76
CA MET A 250 7.84 -14.75 10.21
C MET A 250 9.12 -15.52 10.60
N ASP A 251 9.53 -16.51 9.79
CA ASP A 251 10.85 -17.14 9.99
C ASP A 251 11.98 -16.14 9.85
N ALA A 252 11.92 -15.30 8.81
CA ALA A 252 12.93 -14.26 8.62
C ALA A 252 12.93 -13.21 9.76
N VAL A 253 11.75 -12.82 10.22
CA VAL A 253 11.63 -11.88 11.36
C VAL A 253 12.27 -12.49 12.61
N ALA A 254 11.97 -13.76 12.89
CA ALA A 254 12.59 -14.51 14.00
C ALA A 254 14.12 -14.62 13.86
N ALA A 255 14.58 -15.11 12.71
CA ALA A 255 16.01 -15.27 12.47
C ALA A 255 16.79 -13.96 12.66
N THR A 256 16.21 -12.84 12.23
CA THR A 256 16.91 -11.55 12.29
C THR A 256 16.71 -10.77 13.58
N GLY A 257 15.71 -11.13 14.37
CA GLY A 257 15.28 -10.31 15.52
C GLY A 257 14.62 -8.99 15.13
N ALA A 258 13.96 -8.96 13.97
CA ALA A 258 13.38 -7.74 13.42
C ALA A 258 12.10 -7.37 14.14
N THR A 259 11.76 -6.09 14.11
CA THR A 259 10.48 -5.59 14.63
C THR A 259 9.56 -5.43 13.42
N ALA A 260 8.55 -6.27 13.30
CA ALA A 260 7.59 -6.18 12.20
C ALA A 260 6.15 -6.33 12.71
N PRO A 261 5.67 -5.35 13.51
CA PRO A 261 4.36 -5.50 14.15
C PRO A 261 3.13 -5.70 13.22
N LEU A 262 3.02 -4.92 12.15
CA LEU A 262 1.87 -5.06 11.24
C LEU A 262 1.98 -6.30 10.35
N GLY A 263 3.18 -6.58 9.85
CA GLY A 263 3.44 -7.80 9.11
C GLY A 263 3.14 -9.05 9.93
N SER A 264 3.59 -9.05 11.19
CA SER A 264 3.26 -10.12 12.14
C SER A 264 1.78 -10.23 12.44
N HIS A 265 1.09 -9.10 12.56
CA HIS A 265 -0.35 -9.08 12.81
C HIS A 265 -1.05 -9.68 11.58
N ALA A 266 -0.62 -9.26 10.38
CA ALA A 266 -1.16 -9.79 9.13
C ALA A 266 -0.95 -11.30 9.04
N ALA A 267 0.22 -11.75 9.47
CA ALA A 267 0.54 -13.18 9.46
C ALA A 267 -0.42 -13.95 10.37
N ASP A 268 -0.68 -13.41 11.57
N ASP A 268 -0.69 -13.41 11.56
CA ASP A 268 -1.65 -14.00 12.51
CA ASP A 268 -1.64 -14.02 12.49
C ASP A 268 -3.05 -14.07 11.91
C ASP A 268 -3.06 -14.06 11.92
N ILE A 269 -3.49 -12.97 11.28
CA ILE A 269 -4.82 -12.91 10.65
C ILE A 269 -4.97 -13.95 9.55
N TYR A 270 -3.96 -14.04 8.68
CA TYR A 270 -4.05 -14.99 7.56
C TYR A 270 -3.89 -16.45 7.97
N ALA A 271 -3.11 -16.75 9.00
CA ALA A 271 -2.97 -18.13 9.49
C ALA A 271 -4.31 -18.61 10.02
N LYS A 272 -4.96 -17.77 10.80
CA LYS A 272 -6.31 -18.04 11.30
C LYS A 272 -7.33 -18.16 10.16
N PHE A 273 -7.26 -17.27 9.18
CA PHE A 273 -8.19 -17.32 8.04
C PHE A 273 -7.98 -18.59 7.19
N ALA A 274 -6.71 -19.01 7.04
CA ALA A 274 -6.36 -20.23 6.30
C ALA A 274 -6.90 -21.53 6.91
N ALA A 275 -7.19 -21.54 8.22
CA ALA A 275 -7.85 -22.70 8.86
C ALA A 275 -9.21 -23.00 8.26
N ASP A 276 -9.91 -21.95 7.80
CA ASP A 276 -11.27 -22.06 7.23
C ASP A 276 -11.38 -21.87 5.74
N HIS A 277 -10.49 -21.06 5.17
CA HIS A 277 -10.68 -20.51 3.82
C HIS A 277 -9.40 -20.49 2.97
N ALA A 278 -8.53 -21.47 3.22
CA ALA A 278 -7.26 -21.62 2.50
C ALA A 278 -7.43 -21.57 0.98
N ASP A 279 -8.55 -22.10 0.49
CA ASP A 279 -8.84 -22.16 -0.94
C ASP A 279 -9.41 -20.86 -1.57
N LEU A 280 -9.70 -19.84 -0.77
CA LEU A 280 -10.21 -18.59 -1.31
C LEU A 280 -9.06 -17.62 -1.56
N ASP A 281 -9.27 -16.73 -2.52
CA ASP A 281 -8.35 -15.62 -2.76
C ASP A 281 -8.11 -14.90 -1.45
N PHE A 282 -6.87 -14.47 -1.24
CA PHE A 282 -6.48 -13.75 -0.02
C PHE A 282 -7.26 -12.49 0.27
N SER A 283 -7.82 -11.85 -0.76
CA SER A 283 -8.69 -10.69 -0.58
C SER A 283 -9.98 -11.01 0.19
N ALA A 284 -10.35 -12.29 0.23
CA ALA A 284 -11.52 -12.75 1.00
C ALA A 284 -11.45 -12.49 2.51
N VAL A 285 -10.25 -12.17 3.00
CA VAL A 285 -10.02 -11.74 4.37
C VAL A 285 -10.95 -10.62 4.84
N ILE A 286 -11.48 -9.83 3.90
CA ILE A 286 -12.49 -8.82 4.22
C ILE A 286 -13.67 -9.35 5.07
N HIS A 287 -14.02 -10.61 4.90
CA HIS A 287 -15.11 -11.24 5.62
C HIS A 287 -14.74 -12.04 6.87
N THR A 288 -13.53 -11.90 7.36
CA THR A 288 -13.10 -12.57 8.59
C THR A 288 -12.70 -11.60 9.68
N LEU A 289 -12.97 -10.30 9.47
CA LEU A 289 -12.51 -9.26 10.37
C LEU A 289 -13.32 -9.21 11.67
N ARG A 290 -14.58 -9.67 11.63
CA ARG A 290 -15.40 -9.74 12.85
C ARG A 290 -15.16 -11.02 13.70
N ALA A 291 -14.23 -11.88 13.28
CA ALA A 291 -13.89 -13.11 14.02
C ALA A 291 -13.23 -12.83 15.38
N MET B 1 -18.54 34.13 -11.88
CA MET B 1 -17.83 33.41 -10.77
C MET B 1 -17.46 34.32 -9.58
N MET B 2 -17.20 35.62 -9.81
CA MET B 2 -16.82 36.57 -8.72
C MET B 2 -17.88 36.64 -7.62
N THR B 3 -17.42 36.58 -6.38
CA THR B 3 -18.24 36.20 -5.23
C THR B 3 -17.58 36.79 -3.99
N THR B 4 -18.39 37.20 -3.03
CA THR B 4 -17.87 37.58 -1.73
C THR B 4 -17.80 36.35 -0.82
N ILE B 5 -16.60 36.05 -0.36
CA ILE B 5 -16.33 34.83 0.43
C ILE B 5 -15.85 35.24 1.82
N ALA B 6 -16.51 34.73 2.86
CA ALA B 6 -16.01 34.88 4.23
C ALA B 6 -15.08 33.71 4.51
N PHE B 7 -13.89 33.96 5.03
CA PHE B 7 -12.91 32.88 5.28
C PHE B 7 -12.58 32.89 6.76
N LEU B 8 -13.08 31.90 7.48
CA LEU B 8 -12.90 31.71 8.93
C LEU B 8 -11.83 30.65 9.24
N GLY B 9 -10.71 31.11 9.73
CA GLY B 9 -9.53 30.24 9.87
C GLY B 9 -8.47 30.57 8.83
N LEU B 10 -7.49 31.35 9.24
CA LEU B 10 -6.46 31.87 8.35
C LEU B 10 -5.07 31.36 8.76
N GLY B 11 -5.01 30.11 9.19
CA GLY B 11 -3.76 29.48 9.64
C GLY B 11 -2.92 29.01 8.48
N ASN B 12 -2.16 27.94 8.67
CA ASN B 12 -1.20 27.46 7.66
C ASN B 12 -1.85 27.00 6.37
N MET B 13 -3.11 26.60 6.45
CA MET B 13 -3.87 26.21 5.28
C MET B 13 -4.74 27.36 4.83
N GLY B 14 -5.49 27.94 5.77
CA GLY B 14 -6.39 29.02 5.46
C GLY B 14 -5.76 30.24 4.81
N ALA B 15 -4.57 30.64 5.27
CA ALA B 15 -3.88 31.79 4.70
C ALA B 15 -3.58 31.60 3.20
N PRO B 16 -2.84 30.55 2.83
CA PRO B 16 -2.58 30.37 1.38
C PRO B 16 -3.82 30.15 0.52
N MET B 17 -4.77 29.35 1.02
CA MET B 17 -6.07 29.15 0.36
C MET B 17 -6.75 30.50 0.09
N SER B 18 -6.89 31.31 1.13
CA SER B 18 -7.47 32.66 0.97
C SER B 18 -6.71 33.53 -0.04
N ALA B 19 -5.39 33.45 -0.06
CA ALA B 19 -4.58 34.24 -1.01
C ALA B 19 -4.91 33.89 -2.45
N ASN B 20 -5.10 32.59 -2.72
CA ASN B 20 -5.50 32.14 -4.05
C ASN B 20 -6.90 32.64 -4.46
N LEU B 21 -7.81 32.75 -3.49
CA LEU B 21 -9.13 33.29 -3.77
C LEU B 21 -9.04 34.79 -4.13
N VAL B 22 -8.25 35.55 -3.37
CA VAL B 22 -7.95 36.95 -3.71
C VAL B 22 -7.34 37.07 -5.10
N GLY B 23 -6.34 36.23 -5.40
CA GLY B 23 -5.71 36.18 -6.73
C GLY B 23 -6.71 35.92 -7.85
N ALA B 24 -7.74 35.11 -7.58
CA ALA B 24 -8.74 34.80 -8.58
C ALA B 24 -9.77 35.91 -8.76
N GLY B 25 -9.69 36.94 -7.92
CA GLY B 25 -10.55 38.13 -8.07
C GLY B 25 -11.71 38.18 -7.12
N HIS B 26 -11.83 37.22 -6.19
CA HIS B 26 -12.90 37.25 -5.18
C HIS B 26 -12.58 38.28 -4.12
N VAL B 27 -13.64 38.80 -3.51
CA VAL B 27 -13.55 39.64 -2.34
C VAL B 27 -13.56 38.66 -1.17
N VAL B 28 -12.51 38.63 -0.37
CA VAL B 28 -12.42 37.71 0.77
C VAL B 28 -12.46 38.48 2.08
N ARG B 29 -13.45 38.13 2.93
CA ARG B 29 -13.66 38.75 4.23
C ARG B 29 -13.23 37.76 5.32
N GLY B 30 -12.11 38.02 5.97
CA GLY B 30 -11.48 37.05 6.85
C GLY B 30 -11.65 37.28 8.34
N PHE B 31 -11.64 36.20 9.08
CA PHE B 31 -11.52 36.26 10.51
C PHE B 31 -10.65 35.09 11.02
N ASP B 32 -9.75 35.42 11.94
CA ASP B 32 -9.06 34.40 12.71
C ASP B 32 -8.77 35.04 14.07
N PRO B 33 -9.03 34.31 15.18
CA PRO B 33 -8.76 34.90 16.50
C PRO B 33 -7.27 35.09 16.85
N ALA B 34 -6.35 34.51 16.07
CA ALA B 34 -4.92 34.77 16.25
C ALA B 34 -4.55 35.99 15.40
N PRO B 35 -4.19 37.12 16.05
CA PRO B 35 -3.93 38.34 15.25
C PRO B 35 -2.78 38.23 14.25
N THR B 36 -1.79 37.38 14.51
CA THR B 36 -0.69 37.14 13.55
C THR B 36 -1.18 36.47 12.26
N ALA B 37 -2.08 35.51 12.40
CA ALA B 37 -2.72 34.86 11.26
C ALA B 37 -3.51 35.88 10.45
N ALA B 38 -4.30 36.70 11.15
CA ALA B 38 -5.11 37.74 10.53
C ALA B 38 -4.27 38.75 9.75
N SER B 39 -3.20 39.23 10.40
CA SER B 39 -2.25 40.18 9.79
C SER B 39 -1.66 39.64 8.50
N GLY B 40 -1.16 38.41 8.54
CA GLY B 40 -0.55 37.76 7.38
C GLY B 40 -1.52 37.65 6.21
N ALA B 41 -2.76 37.31 6.51
CA ALA B 41 -3.80 37.19 5.47
C ALA B 41 -4.15 38.56 4.89
N ALA B 42 -4.22 39.58 5.75
CA ALA B 42 -4.47 40.95 5.29
C ALA B 42 -3.38 41.42 4.32
N ALA B 43 -2.13 41.04 4.60
CA ALA B 43 -1.00 41.39 3.72
C ALA B 43 -1.16 40.90 2.29
N HIS B 44 -1.81 39.75 2.10
N HIS B 44 -1.85 39.78 2.10
CA HIS B 44 -2.12 39.26 0.75
CA HIS B 44 -2.13 39.25 0.78
C HIS B 44 -3.56 39.55 0.29
C HIS B 44 -3.48 39.65 0.19
N GLY B 45 -4.19 40.59 0.83
CA GLY B 45 -5.47 41.11 0.30
C GLY B 45 -6.80 40.71 0.93
N VAL B 46 -6.77 39.95 2.02
CA VAL B 46 -7.99 39.60 2.75
C VAL B 46 -8.44 40.84 3.55
N ALA B 47 -9.73 41.18 3.49
CA ALA B 47 -10.27 42.21 4.36
C ALA B 47 -10.58 41.51 5.68
N VAL B 48 -9.83 41.88 6.71
CA VAL B 48 -9.88 41.22 8.00
C VAL B 48 -10.88 41.94 8.88
N PHE B 49 -11.69 41.18 9.62
CA PHE B 49 -12.71 41.75 10.52
C PHE B 49 -12.46 41.41 11.99
N ARG B 50 -13.17 42.12 12.85
CA ARG B 50 -13.05 42.03 14.30
C ARG B 50 -13.71 40.77 14.87
N SER B 51 -14.73 40.24 14.18
CA SER B 51 -15.42 39.06 14.63
C SER B 51 -15.86 38.23 13.45
N ALA B 52 -16.09 36.95 13.69
CA ALA B 52 -16.56 36.05 12.66
C ALA B 52 -17.96 36.46 12.16
N PRO B 53 -18.89 36.84 13.06
CA PRO B 53 -20.19 37.33 12.59
C PRO B 53 -20.13 38.51 11.63
N GLU B 54 -19.20 39.42 11.83
CA GLU B 54 -19.04 40.56 10.91
C GLU B 54 -18.55 40.09 9.56
N ALA B 55 -17.58 39.18 9.58
CA ALA B 55 -17.04 38.64 8.34
C ALA B 55 -18.13 37.96 7.50
N VAL B 56 -19.01 37.18 8.12
CA VAL B 56 -20.02 36.44 7.35
C VAL B 56 -21.22 37.27 6.92
N ALA B 57 -21.43 38.42 7.55
CA ALA B 57 -22.65 39.23 7.34
C ALA B 57 -22.95 39.53 5.87
N GLU B 58 -21.92 39.88 5.10
CA GLU B 58 -22.10 40.29 3.71
C GLU B 58 -21.56 39.27 2.72
N ALA B 59 -21.53 37.99 3.09
CA ALA B 59 -20.88 36.98 2.26
C ALA B 59 -21.88 36.07 1.54
N ASP B 60 -21.56 35.72 0.31
CA ASP B 60 -22.30 34.70 -0.45
C ASP B 60 -21.87 33.27 -0.08
N VAL B 61 -20.62 33.12 0.33
CA VAL B 61 -20.01 31.84 0.67
C VAL B 61 -19.20 32.02 1.95
N VAL B 62 -19.28 31.03 2.84
CA VAL B 62 -18.49 31.01 4.06
C VAL B 62 -17.67 29.74 4.12
N ILE B 63 -16.34 29.91 4.12
CA ILE B 63 -15.42 28.80 4.25
C ILE B 63 -14.84 28.78 5.67
N THR B 64 -14.84 27.60 6.29
CA THR B 64 -14.15 27.37 7.57
C THR B 64 -12.96 26.44 7.32
N MET B 65 -11.83 26.81 7.91
CA MET B 65 -10.63 25.99 7.98
C MET B 65 -10.15 26.03 9.43
N LEU B 66 -10.63 25.08 10.23
CA LEU B 66 -10.52 25.16 11.69
C LEU B 66 -9.99 23.83 12.24
N PRO B 67 -9.39 23.86 13.44
CA PRO B 67 -8.59 22.71 13.88
C PRO B 67 -9.36 21.48 14.30
N THR B 68 -10.56 21.63 14.83
CA THR B 68 -11.33 20.51 15.37
C THR B 68 -12.83 20.67 15.11
N GLY B 69 -13.55 19.57 15.29
CA GLY B 69 -15.00 19.59 15.20
C GLY B 69 -15.65 20.49 16.24
N GLU B 70 -15.09 20.52 17.44
CA GLU B 70 -15.57 21.42 18.50
C GLU B 70 -15.48 22.90 18.08
N VAL B 71 -14.36 23.30 17.50
CA VAL B 71 -14.19 24.67 17.03
C VAL B 71 -15.12 24.96 15.84
N VAL B 72 -15.33 23.98 14.95
CA VAL B 72 -16.31 24.18 13.85
C VAL B 72 -17.73 24.34 14.41
N ARG B 73 -18.11 23.47 15.32
CA ARG B 73 -19.41 23.53 15.97
C ARG B 73 -19.62 24.90 16.63
N ARG B 74 -18.64 25.35 17.37
CA ARG B 74 -18.73 26.62 18.10
C ARG B 74 -18.78 27.81 17.15
N CYS B 75 -17.96 27.75 16.10
CA CYS B 75 -18.00 28.73 15.03
C CYS B 75 -19.38 28.81 14.36
N TYR B 76 -19.94 27.68 13.94
CA TYR B 76 -21.28 27.68 13.30
C TYR B 76 -22.32 28.26 14.26
N THR B 77 -22.28 27.85 15.52
CA THR B 77 -23.16 28.41 16.52
C THR B 77 -23.04 29.94 16.62
N ASP B 78 -21.83 30.48 16.52
CA ASP B 78 -21.61 31.94 16.60
C ASP B 78 -22.06 32.70 15.36
N VAL B 79 -22.00 32.09 14.17
CA VAL B 79 -22.16 32.84 12.92
C VAL B 79 -23.39 32.56 12.07
N LEU B 80 -24.03 31.41 12.22
CA LEU B 80 -25.14 31.03 11.33
C LEU B 80 -26.29 32.05 11.33
N ALA B 81 -26.68 32.55 12.51
CA ALA B 81 -27.70 33.62 12.61
C ALA B 81 -27.30 34.89 11.87
N ALA B 82 -25.99 35.16 11.82
CA ALA B 82 -25.47 36.37 11.18
C ALA B 82 -25.45 36.30 9.66
N ALA B 83 -25.49 35.09 9.11
CA ALA B 83 -25.35 34.91 7.69
C ALA B 83 -26.68 35.19 7.01
N ARG B 84 -26.59 35.61 5.75
CA ARG B 84 -27.77 35.88 4.94
C ARG B 84 -28.40 34.53 4.60
N PRO B 85 -29.74 34.49 4.44
CA PRO B 85 -30.35 33.18 4.22
C PRO B 85 -29.91 32.54 2.91
N ALA B 86 -29.75 31.21 2.93
CA ALA B 86 -29.32 30.43 1.76
C ALA B 86 -27.88 30.77 1.33
N THR B 87 -27.07 31.14 2.31
CA THR B 87 -25.63 31.25 2.11
C THR B 87 -25.01 29.84 2.05
N LEU B 88 -23.97 29.71 1.22
CA LEU B 88 -23.26 28.44 1.06
C LEU B 88 -22.11 28.37 2.09
N PHE B 89 -22.18 27.38 2.99
CA PHE B 89 -21.09 27.09 3.93
C PHE B 89 -20.29 25.89 3.44
N ILE B 90 -18.96 26.05 3.38
CA ILE B 90 -18.07 24.96 3.02
C ILE B 90 -17.10 24.79 4.20
N ASP B 91 -17.16 23.65 4.87
CA ASP B 91 -16.18 23.33 5.91
C ASP B 91 -15.10 22.48 5.29
N SER B 92 -13.93 23.09 5.10
CA SER B 92 -12.75 22.38 4.61
C SER B 92 -11.83 21.92 5.73
N SER B 93 -12.22 22.13 6.99
CA SER B 93 -11.59 21.47 8.14
C SER B 93 -11.61 19.93 8.01
N THR B 94 -10.66 19.27 8.69
CA THR B 94 -10.66 17.83 8.78
C THR B 94 -11.16 17.48 10.18
N ILE B 95 -12.38 16.94 10.24
CA ILE B 95 -13.08 16.62 11.49
C ILE B 95 -13.81 15.27 11.35
N SER B 96 -14.34 14.75 12.45
CA SER B 96 -14.96 13.41 12.47
C SER B 96 -16.20 13.39 11.61
N VAL B 97 -16.56 12.25 11.19
CA VAL B 97 -17.70 12.12 10.33
C VAL B 97 -18.96 12.48 11.13
N THR B 98 -18.93 12.11 12.42
CA THR B 98 -20.01 12.47 13.34
C THR B 98 -20.17 13.98 13.46
N ASP B 99 -19.08 14.68 13.72
CA ASP B 99 -19.11 16.14 13.84
C ASP B 99 -19.54 16.81 12.52
N ALA B 100 -19.00 16.34 11.40
CA ALA B 100 -19.41 16.86 10.09
C ALA B 100 -20.93 16.81 9.82
N ARG B 101 -21.53 15.67 10.14
CA ARG B 101 -22.98 15.50 10.01
C ARG B 101 -23.77 16.37 11.00
N GLU B 102 -23.22 16.57 12.20
CA GLU B 102 -23.85 17.45 13.16
C GLU B 102 -23.86 18.91 12.63
N VAL B 103 -22.70 19.40 12.23
CA VAL B 103 -22.60 20.80 11.81
C VAL B 103 -23.33 21.05 10.50
N HIS B 104 -23.36 20.04 9.64
CA HIS B 104 -24.14 20.10 8.40
C HIS B 104 -25.64 20.28 8.66
N ALA B 105 -26.18 19.48 9.56
CA ALA B 105 -27.57 19.58 9.95
C ALA B 105 -27.88 20.93 10.60
N LEU B 106 -26.95 21.44 11.40
CA LEU B 106 -27.13 22.74 12.07
C LEU B 106 -27.22 23.86 11.05
N ALA B 107 -26.29 23.85 10.09
CA ALA B 107 -26.29 24.82 8.99
C ALA B 107 -27.59 24.75 8.22
N GLU B 108 -28.01 23.54 7.85
CA GLU B 108 -29.28 23.39 7.13
C GLU B 108 -30.50 23.82 7.96
N SER B 109 -30.50 23.58 9.27
CA SER B 109 -31.60 24.05 10.14
C SER B 109 -31.71 25.59 10.19
N HIS B 110 -30.62 26.30 9.88
CA HIS B 110 -30.59 27.77 9.78
C HIS B 110 -30.85 28.26 8.35
N GLY B 111 -31.19 27.35 7.43
CA GLY B 111 -31.49 27.70 6.05
C GLY B 111 -30.27 27.90 5.16
N MET B 112 -29.13 27.32 5.54
CA MET B 112 -27.89 27.46 4.78
C MET B 112 -27.58 26.18 4.02
N LEU B 113 -26.97 26.33 2.85
CA LEU B 113 -26.41 25.21 2.11
C LEU B 113 -25.10 24.85 2.79
N GLN B 114 -24.80 23.55 2.92
CA GLN B 114 -23.53 23.17 3.55
C GLN B 114 -22.88 21.95 2.89
N LEU B 115 -21.55 22.02 2.72
CA LEU B 115 -20.72 20.91 2.25
C LEU B 115 -19.58 20.65 3.24
N ASP B 116 -19.14 19.41 3.36
CA ASP B 116 -17.83 19.09 3.93
C ASP B 116 -16.89 18.89 2.76
N ALA B 117 -15.75 19.58 2.80
CA ALA B 117 -14.79 19.55 1.72
C ALA B 117 -13.38 19.57 2.26
N PRO B 118 -13.04 18.57 3.10
CA PRO B 118 -11.68 18.47 3.61
C PRO B 118 -10.70 18.23 2.48
N VAL B 119 -9.45 18.58 2.70
CA VAL B 119 -8.47 18.61 1.62
C VAL B 119 -7.24 17.77 1.92
N SER B 120 -6.60 17.28 0.86
CA SER B 120 -5.25 16.73 0.98
C SER B 120 -4.28 17.55 0.12
N GLY B 121 -3.03 17.56 0.52
CA GLY B 121 -1.98 18.31 -0.14
C GLY B 121 -1.12 19.13 0.79
N GLY B 122 -1.60 19.38 2.01
CA GLY B 122 -0.86 20.15 3.01
C GLY B 122 -0.68 21.60 2.59
N VAL B 123 0.20 22.28 3.29
CA VAL B 123 0.47 23.70 3.05
C VAL B 123 1.05 23.94 1.66
N LYS B 124 1.87 23.01 1.16
CA LYS B 124 2.46 23.17 -0.17
C LYS B 124 1.41 23.09 -1.26
N GLY B 125 0.51 22.12 -1.14
CA GLY B 125 -0.64 22.04 -2.04
C GLY B 125 -1.52 23.27 -1.96
N ALA B 126 -1.73 23.76 -0.73
CA ALA B 126 -2.50 24.96 -0.48
C ALA B 126 -1.90 26.17 -1.22
N ALA B 127 -0.59 26.38 -1.08
CA ALA B 127 0.05 27.53 -1.74
C ALA B 127 -0.05 27.44 -3.26
N ALA B 128 0.14 26.23 -3.80
CA ALA B 128 0.17 26.02 -5.25
C ALA B 128 -1.22 25.83 -5.88
N ALA B 129 -2.28 25.83 -5.07
CA ALA B 129 -3.63 25.57 -5.55
C ALA B 129 -3.76 24.19 -6.22
N THR B 130 -3.14 23.17 -5.61
CA THR B 130 -3.23 21.78 -6.09
C THR B 130 -3.85 20.82 -5.07
N LEU B 131 -4.53 21.37 -4.06
CA LEU B 131 -5.23 20.57 -3.08
C LEU B 131 -6.29 19.67 -3.73
N ALA B 132 -6.50 18.47 -3.18
CA ALA B 132 -7.66 17.64 -3.54
C ALA B 132 -8.76 17.90 -2.53
N PHE B 133 -9.92 18.37 -2.98
CA PHE B 133 -11.10 18.51 -2.14
C PHE B 133 -11.93 17.24 -2.27
N MET B 134 -12.24 16.65 -1.13
CA MET B 134 -13.11 15.48 -1.04
C MET B 134 -14.41 15.96 -0.43
N VAL B 135 -15.46 16.01 -1.24
CA VAL B 135 -16.70 16.74 -0.94
C VAL B 135 -17.86 15.79 -0.63
N GLY B 136 -18.57 16.10 0.44
CA GLY B 136 -19.84 15.46 0.79
C GLY B 136 -20.93 16.52 0.81
N GLY B 137 -22.11 16.14 0.34
CA GLY B 137 -23.27 17.03 0.29
C GLY B 137 -24.02 16.86 -1.02
N ASP B 138 -24.93 17.79 -1.33
CA ASP B 138 -25.75 17.71 -2.56
C ASP B 138 -24.94 18.07 -3.78
N GLU B 139 -25.22 17.38 -4.87
CA GLU B 139 -24.55 17.64 -6.13
C GLU B 139 -24.81 19.08 -6.62
N SER B 140 -26.04 19.57 -6.52
CA SER B 140 -26.38 20.94 -6.91
C SER B 140 -25.62 21.98 -6.07
N THR B 141 -25.47 21.71 -4.77
CA THR B 141 -24.68 22.58 -3.91
C THR B 141 -23.19 22.58 -4.31
N LEU B 142 -22.64 21.41 -4.66
CA LEU B 142 -21.27 21.33 -5.19
C LEU B 142 -21.13 22.14 -6.48
N ARG B 143 -22.12 22.03 -7.36
CA ARG B 143 -22.15 22.79 -8.63
C ARG B 143 -22.05 24.29 -8.33
N ARG B 144 -22.89 24.76 -7.41
CA ARG B 144 -22.81 26.15 -6.94
C ARG B 144 -21.41 26.49 -6.40
N ALA B 145 -20.79 25.56 -5.67
CA ALA B 145 -19.48 25.77 -5.04
C ALA B 145 -18.27 25.74 -5.96
N ARG B 146 -18.36 25.06 -7.10
CA ARG B 146 -17.18 24.80 -7.97
C ARG B 146 -16.32 26.02 -8.32
N PRO B 147 -16.93 27.12 -8.79
CA PRO B 147 -16.13 28.33 -9.07
C PRO B 147 -15.29 28.82 -7.91
N VAL B 148 -15.76 28.64 -6.68
CA VAL B 148 -15.01 29.01 -5.49
C VAL B 148 -13.89 28.02 -5.17
N LEU B 149 -14.15 26.74 -5.31
CA LEU B 149 -13.15 25.73 -5.07
C LEU B 149 -12.03 25.65 -6.10
N GLU B 150 -12.38 25.82 -7.37
CA GLU B 150 -11.39 25.67 -8.46
C GLU B 150 -10.08 26.46 -8.30
N PRO B 151 -10.15 27.75 -7.90
CA PRO B 151 -8.87 28.47 -7.73
C PRO B 151 -7.99 28.01 -6.58
N MET B 152 -8.49 27.14 -5.71
CA MET B 152 -7.69 26.54 -4.64
C MET B 152 -7.28 25.08 -4.92
N ALA B 153 -7.81 24.48 -6.00
CA ALA B 153 -7.84 23.02 -6.15
C ALA B 153 -7.07 22.47 -7.36
N GLY B 154 -6.47 21.31 -7.16
CA GLY B 154 -5.98 20.47 -8.25
C GLY B 154 -7.04 19.43 -8.63
N LYS B 155 -7.75 18.89 -7.64
CA LYS B 155 -8.84 17.97 -7.85
C LYS B 155 -10.04 18.29 -6.93
N ILE B 156 -11.24 18.12 -7.47
CA ILE B 156 -12.49 18.20 -6.73
C ILE B 156 -13.24 16.90 -7.00
N ILE B 157 -13.47 16.13 -5.95
CA ILE B 157 -14.14 14.86 -6.09
C ILE B 157 -15.34 14.78 -5.15
N HIS B 158 -16.49 14.47 -5.74
CA HIS B 158 -17.73 14.32 -5.01
C HIS B 158 -17.83 12.90 -4.45
N CYS B 159 -17.82 12.80 -3.11
CA CYS B 159 -17.77 11.51 -2.43
C CYS B 159 -19.11 10.95 -2.01
N GLY B 160 -20.16 11.77 -1.97
CA GLY B 160 -21.45 11.30 -1.55
C GLY B 160 -22.18 12.35 -0.73
N ALA B 161 -23.08 11.92 0.15
CA ALA B 161 -23.87 12.83 0.97
C ALA B 161 -23.03 13.42 2.08
N ALA B 162 -23.60 14.37 2.80
CA ALA B 162 -22.92 15.05 3.91
C ALA B 162 -22.15 14.07 4.78
N GLY B 163 -20.90 14.41 5.03
CA GLY B 163 -19.98 13.58 5.78
C GLY B 163 -19.10 12.67 4.95
N ALA B 164 -19.47 12.42 3.69
CA ALA B 164 -18.73 11.49 2.82
C ALA B 164 -17.33 11.98 2.45
N GLY B 165 -17.13 13.29 2.41
CA GLY B 165 -15.82 13.85 2.20
C GLY B 165 -14.89 13.47 3.34
N GLN B 166 -15.35 13.71 4.57
CA GLN B 166 -14.57 13.35 5.75
C GLN B 166 -14.29 11.84 5.75
N ALA B 167 -15.32 11.06 5.40
CA ALA B 167 -15.21 9.60 5.39
C ALA B 167 -14.15 9.11 4.43
N ALA B 168 -14.15 9.65 3.21
CA ALA B 168 -13.19 9.24 2.20
C ALA B 168 -11.76 9.57 2.58
N LYS B 169 -11.56 10.79 3.08
CA LYS B 169 -10.25 11.22 3.50
C LYS B 169 -9.72 10.32 4.62
N VAL B 170 -10.54 10.12 5.65
CA VAL B 170 -10.11 9.37 6.83
C VAL B 170 -9.81 7.91 6.50
N CYS B 171 -10.65 7.29 5.66
CA CYS B 171 -10.37 5.96 5.12
C CYS B 171 -9.05 5.85 4.34
N ASN B 172 -8.79 6.79 3.44
CA ASN B 172 -7.54 6.79 2.67
C ASN B 172 -6.35 6.94 3.60
N ASN B 173 -6.43 7.88 4.54
CA ASN B 173 -5.29 8.17 5.42
C ASN B 173 -5.02 7.06 6.46
N MET B 174 -6.05 6.28 6.81
CA MET B 174 -5.82 5.10 7.63
C MET B 174 -4.98 4.07 6.85
N VAL B 175 -5.37 3.83 5.60
CA VAL B 175 -4.63 2.92 4.71
C VAL B 175 -3.20 3.41 4.56
N LEU B 176 -3.04 4.71 4.30
CA LEU B 176 -1.72 5.31 4.17
C LEU B 176 -0.81 5.06 5.37
N ALA B 177 -1.34 5.30 6.57
CA ALA B 177 -0.65 5.05 7.83
C ALA B 177 -0.16 3.62 7.95
N VAL B 178 -1.05 2.67 7.67
CA VAL B 178 -0.74 1.24 7.67
C VAL B 178 0.35 0.91 6.63
N GLN B 179 0.21 1.46 5.42
CA GLN B 179 1.20 1.28 4.37
C GLN B 179 2.57 1.85 4.74
N GLN B 180 2.60 3.01 5.38
CA GLN B 180 3.88 3.65 5.69
C GLN B 180 4.63 2.88 6.76
N ILE B 181 3.91 2.35 7.75
CA ILE B 181 4.53 1.43 8.73
C ILE B 181 5.01 0.14 8.04
N ALA B 182 4.18 -0.46 7.21
CA ALA B 182 4.51 -1.73 6.55
C ALA B 182 5.71 -1.62 5.62
N ILE B 183 5.79 -0.54 4.86
CA ILE B 183 6.97 -0.26 4.04
C ILE B 183 8.20 -0.11 4.93
N ALA B 184 8.08 0.58 6.06
CA ALA B 184 9.21 0.73 6.97
C ALA B 184 9.70 -0.64 7.51
N GLU B 185 8.75 -1.51 7.87
CA GLU B 185 9.08 -2.84 8.36
C GLU B 185 9.85 -3.63 7.29
N ALA B 186 9.33 -3.61 6.07
CA ALA B 186 9.97 -4.24 4.93
C ALA B 186 11.41 -3.77 4.74
N PHE B 187 11.65 -2.46 4.78
CA PHE B 187 13.03 -1.93 4.60
C PHE B 187 14.00 -2.32 5.71
N VAL B 188 13.54 -2.30 6.96
CA VAL B 188 14.40 -2.70 8.07
C VAL B 188 14.67 -4.21 8.03
N LEU B 189 13.66 -5.02 7.72
CA LEU B 189 13.84 -6.48 7.59
C LEU B 189 14.81 -6.79 6.46
N ALA B 190 14.68 -6.08 5.34
CA ALA B 190 15.60 -6.21 4.23
C ALA B 190 17.03 -5.93 4.67
N GLU B 191 17.21 -4.83 5.41
CA GLU B 191 18.52 -4.46 5.94
C GLU B 191 19.11 -5.57 6.82
N LYS B 192 18.31 -6.15 7.71
CA LYS B 192 18.80 -7.24 8.56
C LYS B 192 19.04 -8.55 7.78
N LEU B 193 18.36 -8.75 6.66
CA LEU B 193 18.59 -9.91 5.77
C LEU B 193 19.76 -9.73 4.79
N GLY B 194 20.38 -8.55 4.76
CA GLY B 194 21.41 -8.23 3.78
C GLY B 194 20.91 -7.87 2.38
N LEU B 195 19.62 -7.55 2.25
CA LEU B 195 19.05 -7.10 1.01
C LEU B 195 19.19 -5.57 1.00
N SER B 196 19.84 -4.99 -0.02
CA SER B 196 20.03 -3.54 -0.07
C SER B 196 18.70 -2.78 -0.22
N ALA B 197 18.67 -1.56 0.32
CA ALA B 197 17.55 -0.66 0.21
C ALA B 197 17.17 -0.40 -1.25
N GLN B 198 18.17 -0.15 -2.09
CA GLN B 198 17.90 0.07 -3.51
C GLN B 198 17.27 -1.15 -4.18
N SER B 199 17.73 -2.34 -3.81
CA SER B 199 17.19 -3.57 -4.37
C SER B 199 15.73 -3.77 -3.96
N LEU B 200 15.43 -3.59 -2.66
CA LEU B 200 14.06 -3.77 -2.18
C LEU B 200 13.14 -2.75 -2.82
N PHE B 201 13.60 -1.50 -2.86
CA PHE B 201 12.89 -0.44 -3.59
C PHE B 201 12.53 -0.84 -5.01
N ASP B 202 13.53 -1.27 -5.78
CA ASP B 202 13.32 -1.69 -7.17
C ASP B 202 12.30 -2.82 -7.28
N VAL B 203 12.34 -3.78 -6.36
CA VAL B 203 11.40 -4.89 -6.39
C VAL B 203 9.99 -4.43 -6.01
N ILE B 204 9.85 -3.79 -4.85
CA ILE B 204 8.52 -3.41 -4.35
C ILE B 204 7.85 -2.47 -5.34
N THR B 205 8.59 -1.49 -5.86
CA THR B 205 8.00 -0.56 -6.81
C THR B 205 7.64 -1.20 -8.14
N GLY B 206 8.36 -2.27 -8.53
CA GLY B 206 8.01 -3.03 -9.74
C GLY B 206 6.94 -4.09 -9.56
N ALA B 207 6.43 -4.25 -8.33
CA ALA B 207 5.64 -5.39 -7.93
C ALA B 207 4.34 -4.98 -7.24
N THR B 208 3.63 -5.95 -6.69
CA THR B 208 2.28 -5.75 -6.15
C THR B 208 2.23 -4.88 -4.89
N GLY B 209 3.37 -4.76 -4.20
CA GLY B 209 3.49 -3.94 -3.00
C GLY B 209 3.64 -2.44 -3.21
N ASN B 210 3.78 -1.98 -4.46
CA ASN B 210 4.05 -0.58 -4.72
C ASN B 210 2.93 0.31 -4.17
N CYS B 211 3.33 1.47 -3.67
CA CYS B 211 2.41 2.48 -3.15
C CYS B 211 3.21 3.73 -2.87
N TRP B 212 2.51 4.85 -2.80
CA TRP B 212 3.09 6.17 -2.51
C TRP B 212 4.05 6.18 -1.31
N ALA B 213 3.75 5.42 -0.26
CA ALA B 213 4.62 5.35 0.92
C ALA B 213 6.02 4.87 0.61
N VAL B 214 6.19 4.08 -0.46
CA VAL B 214 7.52 3.71 -0.93
C VAL B 214 8.00 4.57 -2.09
N HIS B 215 7.20 4.69 -3.17
CA HIS B 215 7.68 5.33 -4.40
C HIS B 215 7.91 6.85 -4.28
N THR B 216 7.16 7.49 -3.39
CA THR B 216 7.32 8.93 -3.12
C THR B 216 7.89 9.20 -1.74
N ASN B 217 7.44 8.46 -0.72
CA ASN B 217 7.82 8.72 0.67
C ASN B 217 8.87 7.76 1.25
N CYS B 218 9.61 7.06 0.38
CA CYS B 218 10.62 6.06 0.77
C CYS B 218 11.30 6.40 2.10
N PRO B 219 11.13 5.57 3.14
CA PRO B 219 11.59 5.95 4.47
C PRO B 219 13.09 5.68 4.74
N VAL B 220 13.85 5.28 3.72
CA VAL B 220 15.32 5.17 3.82
C VAL B 220 15.89 6.13 2.80
N PRO B 221 17.01 6.79 3.15
CA PRO B 221 17.57 7.74 2.21
C PRO B 221 18.21 7.02 1.02
N GLY B 222 18.09 7.60 -0.17
CA GLY B 222 18.84 7.15 -1.34
C GLY B 222 17.99 6.89 -2.55
N PRO B 223 17.05 5.92 -2.46
CA PRO B 223 16.30 5.54 -3.67
C PRO B 223 15.39 6.63 -4.23
N VAL B 224 14.83 7.46 -3.35
CA VAL B 224 14.00 8.61 -3.75
C VAL B 224 14.57 9.87 -3.09
N PRO B 225 15.54 10.55 -3.73
CA PRO B 225 16.24 11.70 -3.12
C PRO B 225 15.32 12.83 -2.64
N THR B 226 14.12 12.95 -3.21
CA THR B 226 13.12 13.94 -2.76
C THR B 226 12.33 13.56 -1.50
N SER B 227 12.38 12.28 -1.09
CA SER B 227 11.62 11.81 0.08
C SER B 227 12.19 12.42 1.38
N PRO B 228 11.35 12.59 2.42
CA PRO B 228 11.80 13.17 3.70
C PRO B 228 13.02 12.51 4.39
N ALA B 229 13.18 11.20 4.22
CA ALA B 229 14.36 10.48 4.74
C ALA B 229 15.69 11.12 4.34
N ASN B 230 15.71 11.82 3.20
CA ASN B 230 16.91 12.49 2.71
C ASN B 230 17.09 13.92 3.26
N ASN B 231 16.12 14.41 4.03
CA ASN B 231 16.09 15.77 4.52
C ASN B 231 15.78 15.74 6.01
N ASP B 232 16.43 14.84 6.74
CA ASP B 232 16.28 14.70 8.21
C ASP B 232 14.85 14.42 8.70
N PHE B 233 14.03 13.81 7.84
CA PHE B 233 12.61 13.61 8.09
C PHE B 233 11.82 14.91 8.41
N LYS B 234 12.18 16.01 7.76
CA LYS B 234 11.37 17.24 7.83
C LYS B 234 10.07 16.97 7.06
N PRO B 235 8.89 17.32 7.63
CA PRO B 235 7.65 17.23 6.86
C PRO B 235 7.71 18.10 5.59
N GLY B 236 7.05 17.73 4.49
CA GLY B 236 6.26 16.51 4.31
C GLY B 236 4.94 16.51 5.07
N PHE B 237 4.53 15.34 5.52
CA PHE B 237 3.30 15.10 6.27
C PHE B 237 3.70 14.75 7.72
N SER B 238 3.54 15.67 8.64
CA SER B 238 4.02 15.47 10.01
C SER B 238 3.33 14.33 10.74
N THR B 239 4.05 13.74 11.69
CA THR B 239 3.49 12.73 12.58
C THR B 239 2.29 13.29 13.34
N ALA B 240 2.37 14.54 13.78
CA ALA B 240 1.26 15.18 14.48
C ALA B 240 -0.02 15.12 13.62
N LEU B 241 0.07 15.51 12.37
CA LEU B 241 -1.06 15.53 11.48
C LEU B 241 -1.63 14.13 11.20
N MET B 242 -0.75 13.17 10.96
CA MET B 242 -1.17 11.78 10.76
C MET B 242 -1.84 11.22 12.01
N ASN B 243 -1.26 11.53 13.17
CA ASN B 243 -1.84 11.13 14.44
C ASN B 243 -3.24 11.73 14.66
N LYS B 244 -3.42 12.99 14.28
CA LYS B 244 -4.75 13.59 14.29
C LYS B 244 -5.72 12.79 13.40
N ASP B 245 -5.31 12.47 12.18
CA ASP B 245 -6.20 11.71 11.26
C ASP B 245 -6.51 10.30 11.74
N LEU B 246 -5.53 9.65 12.35
CA LEU B 246 -5.74 8.34 12.91
C LEU B 246 -6.69 8.40 14.11
N GLY B 247 -6.61 9.45 14.91
CA GLY B 247 -7.60 9.71 15.97
C GLY B 247 -9.01 9.79 15.41
N LEU B 248 -9.16 10.51 14.30
CA LEU B 248 -10.46 10.61 13.61
C LEU B 248 -10.90 9.27 13.01
N ALA B 249 -9.96 8.49 12.49
CA ALA B 249 -10.28 7.12 12.04
C ALA B 249 -10.75 6.25 13.22
N MET B 250 -10.05 6.34 14.34
CA MET B 250 -10.46 5.61 15.53
C MET B 250 -11.83 6.07 16.05
N ASP B 251 -12.13 7.38 15.96
CA ASP B 251 -13.49 7.87 16.25
C ASP B 251 -14.51 7.22 15.32
N ALA B 252 -14.22 7.21 14.02
CA ALA B 252 -15.10 6.57 13.02
C ALA B 252 -15.29 5.05 13.32
N VAL B 253 -14.21 4.37 13.68
CA VAL B 253 -14.28 2.95 14.02
C VAL B 253 -15.17 2.74 15.26
N ALA B 254 -15.01 3.61 16.25
CA ALA B 254 -15.79 3.51 17.47
C ALA B 254 -17.27 3.81 17.22
N ALA B 255 -17.57 4.83 16.41
CA ALA B 255 -18.98 5.18 16.13
C ALA B 255 -19.73 4.08 15.35
N THR B 256 -19.03 3.40 14.45
CA THR B 256 -19.59 2.36 13.60
C THR B 256 -19.54 0.92 14.15
N GLY B 257 -18.75 0.66 15.19
CA GLY B 257 -18.45 -0.70 15.60
C GLY B 257 -17.66 -1.53 14.59
N ALA B 258 -17.01 -0.86 13.63
CA ALA B 258 -16.23 -1.53 12.59
C ALA B 258 -15.02 -2.21 13.24
N THR B 259 -14.49 -3.23 12.57
CA THR B 259 -13.29 -3.87 13.05
C THR B 259 -12.19 -3.51 12.08
N ALA B 260 -11.16 -2.84 12.58
CA ALA B 260 -10.02 -2.40 11.77
C ALA B 260 -8.71 -2.75 12.50
N PRO B 261 -8.32 -4.04 12.51
CA PRO B 261 -7.19 -4.47 13.33
C PRO B 261 -5.89 -3.74 13.03
N LEU B 262 -5.50 -3.65 11.76
CA LEU B 262 -4.23 -3.03 11.41
C LEU B 262 -4.31 -1.54 11.46
N GLY B 263 -5.44 -0.99 11.05
CA GLY B 263 -5.70 0.43 11.19
C GLY B 263 -5.61 0.89 12.63
N SER B 264 -6.22 0.14 13.55
CA SER B 264 -6.14 0.43 14.99
C SER B 264 -4.71 0.23 15.53
N HIS B 265 -4.02 -0.79 15.05
CA HIS B 265 -2.62 -1.02 15.42
C HIS B 265 -1.74 0.16 14.94
N ALA B 266 -1.95 0.61 13.71
CA ALA B 266 -1.23 1.75 13.19
C ALA B 266 -1.50 3.01 14.01
N ALA B 267 -2.75 3.20 14.44
CA ALA B 267 -3.11 4.33 15.33
C ALA B 267 -2.36 4.32 16.66
N ASP B 268 -2.25 3.15 17.28
N ASP B 268 -2.24 3.16 17.28
CA ASP B 268 -1.52 3.01 18.53
CA ASP B 268 -1.50 3.03 18.55
C ASP B 268 -0.04 3.33 18.35
C ASP B 268 -0.02 3.32 18.36
N ILE B 269 0.55 2.79 17.27
CA ILE B 269 1.93 3.07 16.88
C ILE B 269 2.19 4.55 16.64
N TYR B 270 1.34 5.20 15.85
CA TYR B 270 1.54 6.64 15.62
C TYR B 270 1.26 7.50 16.86
N ALA B 271 0.33 7.08 17.71
CA ALA B 271 0.08 7.82 18.94
C ALA B 271 1.30 7.79 19.87
N LYS B 272 1.94 6.64 20.01
CA LYS B 272 3.17 6.54 20.79
C LYS B 272 4.30 7.32 20.14
N PHE B 273 4.47 7.19 18.83
CA PHE B 273 5.51 7.93 18.10
C PHE B 273 5.32 9.47 18.18
N ALA B 274 4.07 9.93 18.17
CA ALA B 274 3.77 11.37 18.24
C ALA B 274 4.17 12.02 19.55
N ALA B 275 4.12 11.26 20.64
CA ALA B 275 4.54 11.74 21.97
C ALA B 275 5.88 12.48 21.93
N ASP B 276 6.89 11.90 21.26
CA ASP B 276 8.21 12.57 21.14
C ASP B 276 8.68 12.98 19.76
N HIS B 277 7.98 12.58 18.69
CA HIS B 277 8.41 12.90 17.32
C HIS B 277 7.28 13.48 16.49
N ALA B 278 6.41 14.25 17.14
CA ALA B 278 5.30 14.92 16.45
C ALA B 278 5.77 15.80 15.28
N ASP B 279 6.94 16.42 15.43
N ASP B 279 6.93 16.42 15.42
CA ASP B 279 7.49 17.31 14.42
CA ASP B 279 7.48 17.32 14.40
C ASP B 279 8.16 16.63 13.22
C ASP B 279 8.13 16.62 13.21
N LEU B 280 8.37 15.31 13.27
CA LEU B 280 8.98 14.58 12.14
C LEU B 280 7.94 14.08 11.14
N ASP B 281 8.33 13.98 9.87
CA ASP B 281 7.48 13.35 8.86
C ASP B 281 7.01 11.98 9.36
N PHE B 282 5.78 11.61 9.04
CA PHE B 282 5.24 10.32 9.51
C PHE B 282 6.04 9.07 9.05
N SER B 283 6.82 9.21 7.98
CA SER B 283 7.74 8.14 7.51
C SER B 283 8.85 7.81 8.51
N ALA B 284 9.16 8.77 9.40
CA ALA B 284 10.17 8.61 10.45
C ALA B 284 9.81 7.54 11.47
N VAL B 285 8.59 7.01 11.43
CA VAL B 285 8.19 5.87 12.27
C VAL B 285 9.13 4.66 12.10
N ILE B 286 9.86 4.60 10.97
CA ILE B 286 10.94 3.64 10.76
C ILE B 286 11.97 3.59 11.91
N HIS B 287 12.21 4.71 12.58
CA HIS B 287 13.10 4.74 13.77
C HIS B 287 12.68 3.80 14.91
N THR B 288 11.37 3.58 15.07
CA THR B 288 10.86 2.66 16.10
C THR B 288 11.18 1.17 15.86
N LEU B 289 11.57 0.82 14.62
CA LEU B 289 11.82 -0.57 14.25
C LEU B 289 13.29 -0.96 14.26
N ARG B 290 14.19 0.00 14.52
CA ARG B 290 15.62 -0.26 14.42
C ARG B 290 16.21 -0.72 15.74
N ALA B 291 16.21 0.14 16.75
CA ALA B 291 16.84 -0.20 18.02
C ALA B 291 18.36 -0.32 17.85
#